data_4B4S
#
_entry.id   4B4S
#
_cell.length_a   39.843
_cell.length_b   94.845
_cell.length_c   96.372
_cell.angle_alpha   90.00
_cell.angle_beta   90.00
_cell.angle_gamma   90.00
#
_symmetry.space_group_name_H-M   'C 2 2 21'
#
loop_
_entity.id
_entity.type
_entity.pdbx_description
1 polymer 'BCL-2-LIKE PROTEIN 10'
2 polymer 'BCL-2-LIKE PROTEIN 11'
3 non-polymer 'TETRAETHYLENE GLYCOL'
4 water water
#
loop_
_entity_poly.entity_id
_entity_poly.type
_entity_poly.pdbx_seq_one_letter_code
_entity_poly.pdbx_strand_id
1 'polypeptide(L)'
;GGSADPLRERTELLLADYLGYSAREPGTPEPAPSTPEAAVLRSAAARLRQIHRSFFSAYLGYPGNRFELVALMADSVLSD
SPGPTWGRVVTLVTFAGTLLERGPLVTARWKKWGFQPRLKEQEGDVARDSQRLVALLSSRLMGQHRAWLQAQGGWDGFSH
FFRTPFPLAENLYFQ
;
A
2 'polypeptide(L)' GSDMRPEIWIAQELRRIGDEFNAYYARR B
#
loop_
_chem_comp.id
_chem_comp.type
_chem_comp.name
_chem_comp.formula
PG4 non-polymer 'TETRAETHYLENE GLYCOL' 'C8 H18 O5'
#
# COMPACT_ATOMS: atom_id res chain seq x y z
N ASP A 5 -18.36 -7.88 -7.16
CA ASP A 5 -18.02 -8.74 -6.03
C ASP A 5 -17.91 -7.90 -4.76
N PRO A 6 -18.56 -8.36 -3.68
CA PRO A 6 -18.43 -7.71 -2.38
C PRO A 6 -16.97 -7.65 -1.91
N LEU A 7 -16.20 -8.68 -2.23
CA LEU A 7 -14.79 -8.68 -1.86
C LEU A 7 -14.05 -7.63 -2.69
N ARG A 8 -14.46 -7.45 -3.93
CA ARG A 8 -13.87 -6.43 -4.80
C ARG A 8 -14.23 -5.05 -4.26
N GLU A 9 -15.50 -4.85 -3.93
CA GLU A 9 -15.94 -3.55 -3.42
C GLU A 9 -15.27 -3.22 -2.09
N ARG A 10 -15.10 -4.22 -1.22
CA ARG A 10 -14.45 -3.98 0.06
C ARG A 10 -12.98 -3.62 -0.17
N THR A 11 -12.36 -4.26 -1.16
CA THR A 11 -10.99 -3.95 -1.55
C THR A 11 -10.88 -2.53 -2.08
N GLU A 12 -11.80 -2.14 -2.96
CA GLU A 12 -11.79 -0.80 -3.55
C GLU A 12 -12.00 0.28 -2.50
N LEU A 13 -12.88 0.03 -1.53
CA LEU A 13 -13.10 0.99 -0.45
C LEU A 13 -11.85 1.19 0.39
N LEU A 14 -11.15 0.09 0.68
CA LEU A 14 -9.93 0.16 1.49
C LEU A 14 -8.85 1.01 0.81
N LEU A 15 -8.63 0.77 -0.48
CA LEU A 15 -7.60 1.50 -1.20
C LEU A 15 -7.99 2.96 -1.40
N ALA A 16 -9.27 3.22 -1.66
CA ALA A 16 -9.76 4.58 -1.80
C ALA A 16 -9.56 5.35 -0.48
N ASP A 17 -9.87 4.67 0.62
CA ASP A 17 -9.69 5.25 1.94
C ASP A 17 -8.23 5.64 2.16
N TYR A 18 -7.32 4.67 2.02
CA TYR A 18 -5.91 4.93 2.27
C TYR A 18 -5.24 5.88 1.28
N LEU A 19 -5.49 5.69 -0.01
CA LEU A 19 -4.86 6.55 -1.02
C LEU A 19 -5.48 7.95 -1.00
N GLY A 20 -6.78 8.04 -0.68
CA GLY A 20 -7.44 9.32 -0.52
C GLY A 20 -6.85 10.12 0.63
N TYR A 21 -6.67 9.46 1.75
CA TYR A 21 -5.94 10.00 2.89
C TYR A 21 -4.53 10.49 2.48
N SER A 22 -3.81 9.65 1.73
CA SER A 22 -2.45 10.01 1.28
C SER A 22 -2.46 11.24 0.37
N ALA A 23 -3.47 11.34 -0.50
CA ALA A 23 -3.52 12.40 -1.50
C ALA A 23 -4.11 13.71 -0.98
N ARG A 24 -4.50 13.76 0.29
CA ARG A 24 -5.34 14.87 0.68
C ARG A 24 -4.55 16.19 0.72
N GLU A 25 -5.28 17.30 0.68
CA GLU A 25 -4.66 18.61 0.70
C GLU A 25 -3.89 18.80 2.00
N PRO A 26 -2.64 19.29 1.89
CA PRO A 26 -1.81 19.47 3.09
C PRO A 26 -2.51 20.38 4.10
N GLY A 27 -2.41 20.03 5.38
CA GLY A 27 -2.94 20.87 6.43
C GLY A 27 -4.44 20.74 6.64
N THR A 28 -5.07 19.77 5.99
CA THR A 28 -6.49 19.53 6.25
C THR A 28 -6.66 18.41 7.26
N PRO A 29 -7.78 18.41 7.97
CA PRO A 29 -8.05 17.36 8.96
C PRO A 29 -7.98 15.96 8.38
N GLU A 30 -7.36 15.04 9.12
CA GLU A 30 -7.28 13.65 8.71
C GLU A 30 -8.69 13.04 8.72
N PRO A 31 -9.08 12.41 7.61
CA PRO A 31 -10.38 11.73 7.57
C PRO A 31 -10.33 10.47 8.42
N ALA A 32 -11.35 10.23 9.23
CA ALA A 32 -11.39 9.03 10.05
C ALA A 32 -11.45 7.78 9.17
N PRO A 33 -10.69 6.75 9.53
CA PRO A 33 -10.76 5.48 8.83
C PRO A 33 -12.20 5.00 8.67
N SER A 34 -12.55 4.52 7.49
CA SER A 34 -13.92 4.13 7.18
C SER A 34 -14.29 2.74 7.72
N THR A 35 -13.27 1.92 7.95
CA THR A 35 -13.43 0.54 8.39
C THR A 35 -12.28 0.15 9.31
N PRO A 36 -12.41 -0.98 10.02
CA PRO A 36 -11.28 -1.48 10.83
C PRO A 36 -10.03 -1.72 9.97
N GLU A 37 -10.20 -2.33 8.80
CA GLU A 37 -9.05 -2.63 7.95
C GLU A 37 -8.38 -1.35 7.47
N ALA A 38 -9.17 -0.29 7.23
CA ALA A 38 -8.60 0.99 6.87
C ALA A 38 -7.72 1.56 7.99
N ALA A 39 -8.15 1.42 9.24
CA ALA A 39 -7.36 1.90 10.38
C ALA A 39 -6.08 1.07 10.53
N VAL A 40 -6.21 -0.25 10.33
CA VAL A 40 -5.04 -1.13 10.43
C VAL A 40 -4.02 -0.80 9.34
N LEU A 41 -4.50 -0.61 8.12
CA LEU A 41 -3.62 -0.28 7.00
C LEU A 41 -2.88 1.05 7.24
N ARG A 42 -3.61 2.04 7.75
CA ARG A 42 -3.00 3.32 8.01
C ARG A 42 -1.89 3.20 9.06
N SER A 43 -2.16 2.43 10.10
CA SER A 43 -1.20 2.21 11.18
C SER A 43 0.02 1.41 10.69
N ALA A 44 -0.24 0.33 9.96
CA ALA A 44 0.84 -0.50 9.45
C ALA A 44 1.72 0.27 8.47
N ALA A 45 1.10 1.03 7.56
CA ALA A 45 1.83 1.87 6.60
C ALA A 45 2.73 2.89 7.31
N ALA A 46 2.21 3.50 8.36
CA ALA A 46 2.98 4.47 9.12
C ALA A 46 4.19 3.82 9.78
N ARG A 47 4.02 2.64 10.36
CA ARG A 47 5.13 1.93 11.00
C ARG A 47 6.19 1.55 9.94
N LEU A 48 5.71 1.07 8.80
CA LEU A 48 6.62 0.69 7.72
C LEU A 48 7.48 1.88 7.25
N ARG A 49 6.87 3.05 7.12
CA ARG A 49 7.58 4.23 6.69
C ARG A 49 8.60 4.69 7.72
N GLN A 50 8.26 4.47 8.99
CA GLN A 50 9.19 4.77 10.07
C GLN A 50 10.42 3.87 9.98
N ILE A 51 10.19 2.58 9.77
CA ILE A 51 11.28 1.61 9.74
C ILE A 51 12.19 1.87 8.55
N HIS A 52 11.59 2.23 7.41
CA HIS A 52 12.34 2.48 6.18
C HIS A 52 12.24 3.93 5.74
N ARG A 53 12.52 4.84 6.67
CA ARG A 53 12.31 6.27 6.44
C ARG A 53 13.10 6.78 5.24
N SER A 54 14.37 6.43 5.16
CA SER A 54 15.21 6.94 4.08
C SER A 54 14.77 6.41 2.70
N PHE A 55 14.33 5.16 2.63
CA PHE A 55 13.83 4.62 1.37
C PHE A 55 12.56 5.33 0.89
N PHE A 56 11.58 5.50 1.78
CA PHE A 56 10.30 6.08 1.38
C PHE A 56 10.38 7.60 1.24
N SER A 57 11.18 8.25 2.08
CA SER A 57 11.35 9.70 2.01
C SER A 57 11.91 10.12 0.66
N ALA A 58 12.61 9.19 0.01
CA ALA A 58 13.25 9.50 -1.27
C ALA A 58 12.23 9.62 -2.41
N TYR A 59 11.04 9.05 -2.22
CA TYR A 59 9.99 9.08 -3.25
C TYR A 59 8.85 10.02 -2.88
N LEU A 60 9.05 10.76 -1.79
CA LEU A 60 7.98 11.52 -1.18
C LEU A 60 7.49 12.66 -2.10
N GLY A 61 8.41 13.36 -2.73
CA GLY A 61 8.03 14.41 -3.68
C GLY A 61 8.19 13.95 -5.13
N TYR A 62 7.86 12.69 -5.40
CA TYR A 62 8.18 12.08 -6.69
C TYR A 62 7.52 12.86 -7.84
N PRO A 63 8.32 13.55 -8.67
CA PRO A 63 7.90 14.44 -9.77
C PRO A 63 7.52 13.72 -11.05
N GLY A 64 7.72 12.40 -11.10
CA GLY A 64 7.49 11.65 -12.32
C GLY A 64 6.12 11.05 -12.41
N ASN A 65 5.92 10.19 -13.41
CA ASN A 65 4.62 9.56 -13.63
C ASN A 65 4.32 8.52 -12.54
N ARG A 66 3.42 8.89 -11.63
CA ARG A 66 3.08 8.07 -10.47
C ARG A 66 2.40 6.77 -10.87
N PHE A 67 1.40 6.86 -11.74
CA PHE A 67 0.69 5.66 -12.18
C PHE A 67 1.62 4.68 -12.89
N GLU A 68 2.41 5.19 -13.83
CA GLU A 68 3.33 4.34 -14.58
C GLU A 68 4.24 3.57 -13.65
N LEU A 69 4.81 4.27 -12.67
CA LEU A 69 5.76 3.66 -11.75
C LEU A 69 5.17 2.45 -11.02
N VAL A 70 4.00 2.62 -10.44
CA VAL A 70 3.34 1.54 -9.72
C VAL A 70 2.87 0.43 -10.66
N ALA A 71 2.43 0.80 -11.85
CA ALA A 71 1.94 -0.17 -12.84
C ALA A 71 3.08 -1.07 -13.33
N LEU A 72 4.28 -0.52 -13.41
CA LEU A 72 5.45 -1.27 -13.80
C LEU A 72 5.86 -2.34 -12.78
N MET A 73 5.51 -2.12 -11.51
CA MET A 73 5.99 -2.98 -10.43
C MET A 73 4.92 -3.84 -9.76
N ALA A 74 3.66 -3.47 -9.93
CA ALA A 74 2.60 -4.08 -9.13
C ALA A 74 2.59 -5.61 -9.21
N ASP A 75 2.71 -6.16 -10.41
CA ASP A 75 2.64 -7.61 -10.58
C ASP A 75 3.80 -8.39 -9.95
N SER A 76 5.03 -7.93 -10.15
CA SER A 76 6.19 -8.62 -9.57
C SER A 76 6.21 -8.49 -8.05
N VAL A 77 5.91 -7.31 -7.54
CA VAL A 77 5.94 -7.08 -6.10
C VAL A 77 4.96 -8.02 -5.41
N LEU A 78 3.78 -8.18 -6.00
CA LEU A 78 2.78 -9.08 -5.44
C LEU A 78 3.04 -10.56 -5.75
N SER A 79 3.61 -10.83 -6.93
CA SER A 79 3.66 -12.21 -7.45
C SER A 79 4.95 -12.96 -7.17
N ASP A 80 6.08 -12.32 -7.44
CA ASP A 80 7.37 -13.02 -7.44
C ASP A 80 7.60 -13.82 -6.17
N SER A 81 8.22 -14.99 -6.34
CA SER A 81 8.56 -15.86 -5.20
C SER A 81 9.23 -15.02 -4.12
N PRO A 82 9.00 -15.38 -2.84
CA PRO A 82 8.13 -16.47 -2.37
C PRO A 82 6.65 -16.38 -2.78
N GLY A 83 6.15 -15.20 -3.09
CA GLY A 83 4.74 -15.06 -3.49
C GLY A 83 4.08 -13.92 -2.75
N PRO A 84 2.74 -13.82 -2.85
CA PRO A 84 2.07 -12.72 -2.14
C PRO A 84 2.06 -12.96 -0.63
N THR A 85 2.23 -11.90 0.13
CA THR A 85 2.07 -11.92 1.58
C THR A 85 1.45 -10.58 1.98
N TRP A 86 0.83 -10.52 3.16
CA TRP A 86 0.28 -9.27 3.63
C TRP A 86 1.37 -8.20 3.71
N GLY A 87 2.59 -8.60 4.04
CA GLY A 87 3.68 -7.64 4.14
C GLY A 87 3.91 -6.95 2.79
N ARG A 88 3.93 -7.73 1.72
CA ARG A 88 4.08 -7.19 0.37
C ARG A 88 2.93 -6.26 -0.02
N VAL A 89 1.72 -6.67 0.32
CA VAL A 89 0.54 -5.88 0.01
C VAL A 89 0.66 -4.51 0.66
N VAL A 90 0.98 -4.47 1.94
CA VAL A 90 1.11 -3.20 2.64
C VAL A 90 2.23 -2.37 2.02
N THR A 91 3.33 -3.02 1.66
CA THR A 91 4.50 -2.32 1.15
C THR A 91 4.20 -1.63 -0.18
N LEU A 92 3.53 -2.33 -1.08
CA LEU A 92 3.18 -1.77 -2.39
C LEU A 92 2.18 -0.63 -2.24
N VAL A 93 1.19 -0.84 -1.39
CA VAL A 93 0.15 0.16 -1.19
C VAL A 93 0.74 1.39 -0.52
N THR A 94 1.62 1.15 0.45
CA THR A 94 2.28 2.25 1.15
C THR A 94 3.15 3.03 0.18
N PHE A 95 3.82 2.34 -0.72
CA PHE A 95 4.63 3.00 -1.73
C PHE A 95 3.78 3.90 -2.61
N ALA A 96 2.66 3.39 -3.08
CA ALA A 96 1.74 4.17 -3.91
C ALA A 96 1.26 5.42 -3.16
N GLY A 97 0.94 5.27 -1.87
CA GLY A 97 0.48 6.40 -1.07
C GLY A 97 1.56 7.45 -0.92
N THR A 98 2.80 6.99 -0.73
CA THR A 98 3.94 7.89 -0.62
C THR A 98 4.07 8.82 -1.82
N LEU A 99 3.88 8.27 -3.02
CA LEU A 99 3.96 9.04 -4.25
C LEU A 99 2.94 10.17 -4.32
N LEU A 100 1.82 10.02 -3.61
CA LEU A 100 0.71 10.96 -3.67
C LEU A 100 0.81 12.09 -2.63
N GLU A 101 1.72 11.95 -1.69
CA GLU A 101 1.77 12.91 -0.59
C GLU A 101 2.33 14.25 -1.00
N ARG A 102 1.73 15.32 -0.48
CA ARG A 102 2.26 16.66 -0.69
C ARG A 102 2.37 17.35 0.67
N GLY A 103 2.91 18.55 0.68
CA GLY A 103 3.08 19.27 1.92
C GLY A 103 4.30 20.16 1.88
N PRO A 104 4.38 21.10 2.84
CA PRO A 104 5.42 22.14 2.88
C PRO A 104 6.82 21.56 2.74
N LEU A 105 7.13 20.52 3.52
CA LEU A 105 8.45 19.92 3.51
C LEU A 105 8.72 19.21 2.18
N VAL A 106 7.66 18.69 1.57
CA VAL A 106 7.78 18.00 0.29
C VAL A 106 8.07 18.99 -0.82
N THR A 107 7.17 19.96 -1.01
CA THR A 107 7.35 20.98 -2.03
C THR A 107 8.73 21.63 -1.97
N ALA A 108 9.34 21.65 -0.80
CA ALA A 108 10.66 22.23 -0.63
C ALA A 108 11.72 21.41 -1.36
N GLY A 124 -6.93 18.03 -8.69
CA GLY A 124 -7.30 17.53 -10.00
C GLY A 124 -6.38 16.43 -10.49
N ASP A 125 -5.10 16.76 -10.63
CA ASP A 125 -4.10 15.78 -11.05
C ASP A 125 -3.94 14.69 -10.01
N VAL A 126 -3.76 15.10 -8.75
CA VAL A 126 -3.57 14.13 -7.67
C VAL A 126 -4.83 13.28 -7.54
N ALA A 127 -5.98 13.92 -7.74
CA ALA A 127 -7.27 13.22 -7.65
C ALA A 127 -7.37 12.09 -8.67
N ARG A 128 -7.09 12.39 -9.93
CA ARG A 128 -7.17 11.38 -10.99
C ARG A 128 -6.13 10.28 -10.78
N ASP A 129 -4.91 10.65 -10.39
CA ASP A 129 -3.87 9.67 -10.11
C ASP A 129 -4.27 8.70 -8.99
N SER A 130 -4.91 9.21 -7.94
CA SER A 130 -5.33 8.35 -6.84
C SER A 130 -6.42 7.40 -7.33
N GLN A 131 -7.34 7.91 -8.15
CA GLN A 131 -8.39 7.06 -8.71
C GLN A 131 -7.78 5.95 -9.57
N ARG A 132 -6.82 6.30 -10.41
CA ARG A 132 -6.15 5.33 -11.28
C ARG A 132 -5.43 4.24 -10.48
N LEU A 133 -4.79 4.64 -9.38
CA LEU A 133 -4.07 3.72 -8.50
C LEU A 133 -5.04 2.80 -7.73
N VAL A 134 -6.16 3.35 -7.30
CA VAL A 134 -7.19 2.53 -6.69
C VAL A 134 -7.62 1.42 -7.66
N ALA A 135 -7.88 1.80 -8.90
CA ALA A 135 -8.34 0.83 -9.89
C ALA A 135 -7.26 -0.22 -10.20
N LEU A 136 -6.03 0.23 -10.35
CA LEU A 136 -4.90 -0.65 -10.66
C LEU A 136 -4.71 -1.69 -9.57
N LEU A 137 -4.56 -1.23 -8.34
CA LEU A 137 -4.22 -2.10 -7.23
C LEU A 137 -5.37 -3.06 -6.88
N SER A 138 -6.61 -2.58 -6.94
CA SER A 138 -7.77 -3.45 -6.79
C SER A 138 -7.73 -4.59 -7.78
N SER A 139 -7.45 -4.25 -9.04
CA SER A 139 -7.45 -5.24 -10.11
C SER A 139 -6.36 -6.29 -9.89
N ARG A 140 -5.19 -5.87 -9.43
CA ARG A 140 -4.10 -6.83 -9.23
C ARG A 140 -4.45 -7.77 -8.09
N LEU A 141 -5.09 -7.24 -7.05
CA LEU A 141 -5.45 -8.04 -5.88
C LEU A 141 -6.60 -9.00 -6.21
N MET A 142 -7.61 -8.49 -6.91
CA MET A 142 -8.79 -9.28 -7.25
C MET A 142 -8.55 -10.13 -8.49
N GLY A 143 -7.45 -9.87 -9.19
CA GLY A 143 -7.14 -10.60 -10.40
C GLY A 143 -6.49 -11.94 -10.12
N GLN A 144 -5.17 -11.93 -9.96
CA GLN A 144 -4.40 -13.16 -9.83
C GLN A 144 -4.31 -13.67 -8.39
N HIS A 145 -4.58 -12.81 -7.43
CA HIS A 145 -4.32 -13.18 -6.04
C HIS A 145 -5.60 -13.28 -5.23
N ARG A 146 -6.73 -13.37 -5.94
CA ARG A 146 -8.03 -13.43 -5.30
C ARG A 146 -8.16 -14.65 -4.40
N ALA A 147 -7.81 -15.82 -4.93
CA ALA A 147 -7.90 -17.07 -4.18
C ALA A 147 -7.04 -16.97 -2.92
N TRP A 148 -5.84 -16.44 -3.08
CA TRP A 148 -4.92 -16.27 -1.96
C TRP A 148 -5.53 -15.40 -0.87
N LEU A 149 -6.21 -14.34 -1.29
CA LEU A 149 -6.82 -13.39 -0.35
C LEU A 149 -7.96 -14.02 0.44
N GLN A 150 -8.75 -14.85 -0.22
CA GLN A 150 -9.89 -15.49 0.43
C GLN A 150 -9.42 -16.53 1.44
N ALA A 151 -8.37 -17.25 1.09
CA ALA A 151 -7.81 -18.28 1.97
C ALA A 151 -7.23 -17.65 3.23
N GLN A 152 -6.81 -16.38 3.13
CA GLN A 152 -6.28 -15.63 4.27
C GLN A 152 -7.40 -15.07 5.14
N GLY A 153 -8.64 -15.31 4.76
CA GLY A 153 -9.78 -14.81 5.51
C GLY A 153 -10.15 -13.40 5.13
N GLY A 154 -9.72 -12.98 3.94
CA GLY A 154 -10.04 -11.66 3.44
C GLY A 154 -9.45 -10.54 4.28
N TRP A 155 -10.13 -9.38 4.25
CA TRP A 155 -9.62 -8.20 4.92
C TRP A 155 -9.69 -8.32 6.44
N ASP A 156 -10.56 -9.18 6.95
CA ASP A 156 -10.56 -9.48 8.36
C ASP A 156 -9.28 -10.23 8.74
N GLY A 157 -8.80 -11.10 7.84
CA GLY A 157 -7.54 -11.78 8.05
C GLY A 157 -6.39 -10.79 8.09
N PHE A 158 -6.43 -9.82 7.18
CA PHE A 158 -5.47 -8.75 7.12
C PHE A 158 -5.41 -8.01 8.46
N SER A 159 -6.58 -7.60 8.96
CA SER A 159 -6.64 -6.83 10.19
C SER A 159 -6.09 -7.63 11.37
N HIS A 160 -6.50 -8.89 11.45
CA HIS A 160 -6.03 -9.79 12.51
C HIS A 160 -4.51 -9.97 12.46
N PHE A 161 -3.99 -10.13 11.25
CA PHE A 161 -2.56 -10.36 11.05
C PHE A 161 -1.72 -9.24 11.66
N PHE A 162 -2.08 -8.00 11.40
CA PHE A 162 -1.29 -6.87 11.88
C PHE A 162 -1.64 -6.40 13.30
N ARG A 163 -2.64 -7.01 13.93
CA ARG A 163 -2.98 -6.70 15.32
C ARG A 163 -2.32 -7.71 16.24
N THR A 164 -1.48 -8.56 15.66
CA THR A 164 -0.80 -9.59 16.44
C THR A 164 -0.09 -8.94 17.63
N PRO A 165 -0.41 -9.39 18.86
CA PRO A 165 0.27 -8.81 20.04
C PRO A 165 1.78 -8.93 19.91
N PHE A 166 2.51 -8.06 20.56
CA PHE A 166 3.95 -8.16 20.55
C PHE A 166 4.50 -8.30 21.96
N PRO A 167 5.81 -8.54 22.05
CA PRO A 167 6.55 -8.66 23.31
C PRO A 167 6.56 -7.35 24.11
N ARG B 5 15.80 -0.22 -17.00
CA ARG B 5 14.43 -0.39 -16.50
C ARG B 5 14.43 -0.30 -14.97
N PRO B 6 14.38 0.93 -14.44
CA PRO B 6 14.52 1.08 -12.99
C PRO B 6 13.45 0.33 -12.18
N GLU B 7 12.31 0.05 -12.80
CA GLU B 7 11.20 -0.59 -12.10
C GLU B 7 11.61 -1.93 -11.52
N ILE B 8 12.49 -2.63 -12.23
CA ILE B 8 12.94 -3.96 -11.81
C ILE B 8 13.70 -3.89 -10.48
N TRP B 9 14.46 -2.82 -10.28
CA TRP B 9 15.28 -2.66 -9.06
C TRP B 9 14.44 -2.23 -7.87
N ILE B 10 13.49 -1.34 -8.12
CA ILE B 10 12.67 -0.81 -7.05
C ILE B 10 11.74 -1.90 -6.58
N ALA B 11 11.19 -2.65 -7.53
CA ALA B 11 10.33 -3.78 -7.23
C ALA B 11 11.07 -4.74 -6.29
N GLN B 12 12.37 -4.88 -6.54
CA GLN B 12 13.23 -5.77 -5.77
C GLN B 12 13.27 -5.36 -4.30
N GLU B 13 13.49 -4.07 -4.07
CA GLU B 13 13.56 -3.52 -2.73
C GLU B 13 12.20 -3.57 -2.03
N LEU B 14 11.13 -3.32 -2.78
CA LEU B 14 9.78 -3.39 -2.24
C LEU B 14 9.48 -4.81 -1.82
N ARG B 15 9.98 -5.76 -2.60
CA ARG B 15 9.80 -7.17 -2.29
C ARG B 15 10.54 -7.55 -1.01
N ARG B 16 11.77 -7.07 -0.87
CA ARG B 16 12.59 -7.37 0.32
C ARG B 16 11.97 -6.73 1.55
N ILE B 17 11.59 -5.47 1.41
CA ILE B 17 10.95 -4.73 2.49
C ILE B 17 9.68 -5.43 2.96
N GLY B 18 8.84 -5.83 2.02
CA GLY B 18 7.60 -6.50 2.34
C GLY B 18 7.80 -7.85 3.02
N ASP B 19 8.77 -8.63 2.54
CA ASP B 19 9.04 -9.93 3.13
C ASP B 19 9.55 -9.77 4.56
N GLU B 20 10.38 -8.77 4.79
CA GLU B 20 10.91 -8.52 6.13
C GLU B 20 9.79 -8.05 7.07
N PHE B 21 8.99 -7.10 6.60
CA PHE B 21 7.89 -6.56 7.39
C PHE B 21 6.92 -7.66 7.78
N ASN B 22 6.61 -8.53 6.81
CA ASN B 22 5.73 -9.66 7.05
C ASN B 22 6.24 -10.56 8.16
N ALA B 23 7.55 -10.76 8.19
CA ALA B 23 8.18 -11.66 9.14
C ALA B 23 8.01 -11.20 10.59
N TYR B 24 7.89 -9.89 10.81
CA TYR B 24 7.71 -9.36 12.16
C TYR B 24 6.37 -9.80 12.74
N TYR B 25 5.37 -9.94 11.87
CA TYR B 25 4.02 -10.28 12.31
C TYR B 25 3.70 -11.75 12.15
N ALA B 26 4.38 -12.40 11.20
CA ALA B 26 4.08 -13.79 10.91
C ALA B 26 4.15 -14.56 12.21
N ARG B 27 2.99 -15.05 12.63
CA ARG B 27 2.86 -15.79 13.87
C ARG B 27 2.76 -14.92 15.13
N ARG B 28 3.68 -13.98 15.28
CA ARG B 28 3.73 -13.15 16.48
C ARG B 28 4.45 -11.83 16.23
O1 PG4 C . 1.70 -1.50 14.13
C1 PG4 C . 1.12 -1.26 12.90
C2 PG4 C . -0.02 -2.21 12.68
O2 PG4 C . -1.08 -1.86 13.49
C3 PG4 C . -0.95 -1.91 14.86
C4 PG4 C . -2.30 -1.96 15.48
O3 PG4 C . -3.24 -1.66 14.52
C5 PG4 C . -4.51 -1.35 14.91
C6 PG4 C . -4.76 0.12 14.75
O4 PG4 C . -6.05 0.39 15.17
C7 PG4 C . -7.13 -0.10 14.46
C8 PG4 C . -7.70 -1.30 15.14
O5 PG4 C . -8.75 -1.80 14.41
#